data_3QGL
#
_entry.id   3QGL
#
_cell.length_a   45.571
_cell.length_b   81.567
_cell.length_c   90.678
_cell.angle_alpha   90.00
_cell.angle_beta   102.11
_cell.angle_gamma   90.00
#
_symmetry.space_group_name_H-M   'P 1 21 1'
#
loop_
_entity.id
_entity.type
_entity.pdbx_description
1 polymer 'Sorting nexin-27'
2 polymer 'G protein-activated inward rectifier potassium channel 3'
3 water water
#
loop_
_entity_poly.entity_id
_entity_poly.type
_entity_poly.pdbx_seq_one_letter_code
_entity_poly.pdbx_strand_id
1 'polypeptide(L)'
;GSHGGSPRVVRIVKSESGYGFNVRGQVSEGGQLRSINGELYAPLQHVSAVLPGGAADRAGVRKGDRILEVNGVNVEGATH
KQVVDLIRAGEKELILTVLSV
;
A,B,C,D,E
2 'polypeptide(L)' ESESKV F,G,H,I,J
#
# COMPACT_ATOMS: atom_id res chain seq x y z
N SER A 6 -11.52 18.31 -6.00
CA SER A 6 -10.64 17.74 -4.93
C SER A 6 -10.98 16.26 -4.72
N PRO A 7 -9.99 15.44 -4.25
CA PRO A 7 -10.13 13.99 -4.25
C PRO A 7 -11.26 13.51 -3.37
N ARG A 8 -11.84 12.39 -3.74
CA ARG A 8 -12.92 11.80 -2.97
C ARG A 8 -12.57 10.35 -2.68
N VAL A 9 -13.05 9.86 -1.53
CA VAL A 9 -12.78 8.49 -1.08
C VAL A 9 -14.02 7.65 -1.28
N VAL A 10 -13.87 6.57 -2.04
CA VAL A 10 -14.99 5.78 -2.53
C VAL A 10 -14.72 4.28 -2.38
N ARG A 11 -15.78 3.53 -2.04
CA ARG A 11 -15.68 2.10 -1.79
C ARG A 11 -16.35 1.32 -2.91
N ILE A 12 -15.61 0.43 -3.54
CA ILE A 12 -16.14 -0.45 -4.60
C ILE A 12 -16.24 -1.91 -4.11
N VAL A 13 -17.43 -2.48 -4.21
CA VAL A 13 -17.60 -3.85 -3.77
C VAL A 13 -17.40 -4.80 -4.94
N LYS A 14 -16.36 -5.62 -4.86
CA LYS A 14 -16.06 -6.61 -5.89
C LYS A 14 -17.24 -7.52 -6.15
N SER A 15 -17.66 -7.59 -7.40
CA SER A 15 -18.67 -8.54 -7.82
C SER A 15 -17.99 -9.84 -8.25
N GLU A 16 -18.78 -10.83 -8.65
CA GLU A 16 -18.25 -12.08 -9.16
C GLU A 16 -17.22 -11.86 -10.29
N SER A 17 -17.40 -10.81 -11.06
CA SER A 17 -16.54 -10.53 -12.21
C SER A 17 -15.67 -9.30 -11.99
N GLY A 18 -15.34 -8.99 -10.75
CA GLY A 18 -14.37 -7.91 -10.47
C GLY A 18 -15.00 -6.58 -10.11
N TYR A 19 -14.21 -5.51 -10.26
CA TYR A 19 -14.61 -4.16 -9.90
C TYR A 19 -15.19 -3.36 -11.07
N GLY A 20 -15.10 -3.88 -12.29
CA GLY A 20 -15.68 -3.21 -13.46
C GLY A 20 -15.14 -1.81 -13.77
N PHE A 21 -13.81 -1.71 -13.85
CA PHE A 21 -13.11 -0.54 -14.40
C PHE A 21 -11.67 -0.89 -14.80
N ASN A 22 -11.06 -0.03 -15.64
CA ASN A 22 -9.70 -0.23 -16.12
C ASN A 22 -8.73 0.82 -15.65
N VAL A 23 -7.54 0.38 -15.29
CA VAL A 23 -6.46 1.26 -14.90
C VAL A 23 -5.39 1.31 -15.99
N ARG A 24 -4.91 2.52 -16.26
CA ARG A 24 -3.82 2.69 -17.20
C ARG A 24 -2.88 3.74 -16.66
N GLY A 25 -1.58 3.53 -16.87
CA GLY A 25 -0.58 4.49 -16.45
C GLY A 25 0.85 4.09 -16.78
N GLN A 26 1.79 4.65 -16.04
CA GLN A 26 3.20 4.50 -16.36
C GLN A 26 3.71 3.16 -15.89
N VAL A 27 4.71 2.64 -16.60
CA VAL A 27 5.27 1.32 -16.33
C VAL A 27 6.46 1.41 -15.37
N SER A 28 7.15 2.54 -15.38
CA SER A 28 8.35 2.70 -14.57
C SER A 28 8.21 3.79 -13.52
N GLU A 29 8.91 3.60 -12.40
CA GLU A 29 8.81 4.47 -11.21
C GLU A 29 9.17 5.91 -11.45
N GLY A 30 8.75 6.75 -10.50
CA GLY A 30 9.16 8.15 -10.47
C GLY A 30 8.36 8.96 -11.45
N GLY A 31 9.08 9.67 -12.34
CA GLY A 31 8.46 10.53 -13.35
C GLY A 31 8.26 11.98 -12.92
N GLN A 32 7.98 12.82 -13.90
CA GLN A 32 7.73 14.26 -13.75
C GLN A 32 6.61 14.67 -12.78
N LEU A 33 6.88 15.67 -11.94
CA LEU A 33 5.86 16.23 -11.05
C LEU A 33 4.86 17.10 -11.83
N ARG A 34 3.57 16.89 -11.60
CA ARG A 34 2.51 17.57 -12.36
C ARG A 34 1.40 18.09 -11.48
N SER A 35 0.68 19.11 -11.94
CA SER A 35 -0.39 19.70 -11.14
C SER A 35 -1.80 19.40 -11.68
N ILE A 36 -2.67 18.90 -10.82
CA ILE A 36 -4.09 18.75 -11.10
C ILE A 36 -4.85 19.61 -10.10
N ASN A 37 -5.68 20.53 -10.62
CA ASN A 37 -6.48 21.43 -9.79
C ASN A 37 -5.57 22.22 -8.82
N GLY A 38 -4.44 22.66 -9.34
CA GLY A 38 -3.49 23.48 -8.57
C GLY A 38 -2.76 22.74 -7.46
N GLU A 39 -2.71 21.42 -7.56
CA GLU A 39 -2.02 20.57 -6.58
C GLU A 39 -0.99 19.68 -7.25
N LEU A 40 0.22 19.62 -6.68
CA LEU A 40 1.34 18.88 -7.28
C LEU A 40 1.38 17.39 -6.91
N TYR A 41 1.67 16.55 -7.92
CA TYR A 41 1.78 15.11 -7.74
C TYR A 41 2.84 14.48 -8.62
N ALA A 42 3.44 13.41 -8.12
CA ALA A 42 4.19 12.49 -8.96
C ALA A 42 3.17 11.73 -9.79
N PRO A 43 3.56 11.22 -10.98
CA PRO A 43 2.60 10.63 -11.90
C PRO A 43 1.62 9.62 -11.29
N LEU A 44 0.35 9.74 -11.67
CA LEU A 44 -0.71 8.86 -11.17
C LEU A 44 -1.25 7.97 -12.28
N GLN A 45 -1.72 6.77 -11.92
CA GLN A 45 -2.45 5.93 -12.86
C GLN A 45 -3.83 6.55 -13.00
N HIS A 46 -4.45 6.38 -14.17
CA HIS A 46 -5.80 6.88 -14.35
C HIS A 46 -6.76 5.78 -14.76
N VAL A 47 -8.06 6.02 -14.54
CA VAL A 47 -9.08 5.04 -14.87
C VAL A 47 -9.40 5.19 -16.34
N SER A 48 -8.95 4.22 -17.14
CA SER A 48 -9.02 4.34 -18.59
C SER A 48 -10.35 3.86 -19.17
N ALA A 49 -11.13 3.16 -18.36
CA ALA A 49 -12.42 2.65 -18.77
C ALA A 49 -13.26 2.32 -17.54
N VAL A 50 -14.55 2.59 -17.62
CA VAL A 50 -15.47 2.22 -16.56
C VAL A 50 -16.62 1.42 -17.16
N LEU A 51 -16.75 0.17 -16.72
CA LEU A 51 -17.81 -0.72 -17.18
C LEU A 51 -19.15 -0.17 -16.73
N PRO A 52 -20.03 0.17 -17.70
CA PRO A 52 -21.30 0.82 -17.44
C PRO A 52 -22.22 -0.04 -16.58
N GLY A 53 -22.75 0.57 -15.52
CA GLY A 53 -23.69 -0.11 -14.64
C GLY A 53 -23.03 -1.10 -13.69
N GLY A 54 -21.71 -1.09 -13.64
CA GLY A 54 -21.02 -2.05 -12.81
C GLY A 54 -20.14 -1.46 -11.73
N ALA A 55 -20.34 -1.96 -10.51
CA ALA A 55 -19.43 -1.83 -9.37
C ALA A 55 -18.74 -0.47 -9.23
N ALA A 56 -17.71 -0.24 -10.05
CA ALA A 56 -17.00 1.03 -10.04
C ALA A 56 -17.90 2.19 -10.47
N ASP A 57 -18.64 1.99 -11.57
CA ASP A 57 -19.61 2.99 -12.03
C ASP A 57 -20.53 3.37 -10.89
N ARG A 58 -21.27 2.39 -10.39
CA ARG A 58 -22.17 2.57 -9.23
C ARG A 58 -21.55 3.25 -8.01
N ALA A 59 -20.24 3.06 -7.82
CA ALA A 59 -19.52 3.66 -6.71
C ALA A 59 -19.23 5.14 -6.96
N GLY A 60 -19.23 5.55 -8.23
CA GLY A 60 -19.08 6.95 -8.58
C GLY A 60 -17.81 7.26 -9.36
N VAL A 61 -16.94 6.26 -9.48
CA VAL A 61 -15.72 6.37 -10.30
C VAL A 61 -16.04 6.78 -11.74
N ARG A 62 -15.39 7.85 -12.22
CA ARG A 62 -15.53 8.31 -13.61
C ARG A 62 -14.30 8.02 -14.48
N LYS A 63 -14.51 7.79 -15.77
CA LYS A 63 -13.41 7.62 -16.73
C LYS A 63 -12.52 8.85 -16.66
N GLY A 64 -11.21 8.65 -16.69
CA GLY A 64 -10.26 9.76 -16.64
C GLY A 64 -9.96 10.23 -15.22
N ASP A 65 -10.56 9.58 -14.24
CA ASP A 65 -10.19 9.86 -12.85
C ASP A 65 -8.80 9.37 -12.58
N ARG A 66 -8.05 10.15 -11.82
CA ARG A 66 -6.73 9.75 -11.40
C ARG A 66 -6.81 9.01 -10.07
N ILE A 67 -5.97 7.99 -9.91
CA ILE A 67 -5.94 7.23 -8.66
C ILE A 67 -4.86 7.75 -7.74
N LEU A 68 -5.27 8.32 -6.64
CA LEU A 68 -4.32 8.87 -5.70
C LEU A 68 -3.90 7.86 -4.62
N GLU A 69 -4.87 7.10 -4.12
CA GLU A 69 -4.60 6.13 -3.06
C GLU A 69 -5.41 4.86 -3.27
N VAL A 70 -4.80 3.73 -2.90
CA VAL A 70 -5.47 2.45 -2.91
C VAL A 70 -5.49 1.98 -1.47
N ASN A 71 -6.70 1.78 -0.95
CA ASN A 71 -6.88 1.31 0.41
C ASN A 71 -6.14 2.12 1.47
N GLY A 72 -5.95 3.40 1.16
CA GLY A 72 -5.29 4.34 2.07
C GLY A 72 -3.82 4.50 1.80
N VAL A 73 -3.29 3.70 0.87
CA VAL A 73 -1.92 3.80 0.45
C VAL A 73 -1.81 4.79 -0.69
N ASN A 74 -1.11 5.89 -0.46
CA ASN A 74 -0.80 6.87 -1.50
C ASN A 74 0.07 6.21 -2.53
N VAL A 75 -0.33 6.34 -3.79
CA VAL A 75 0.34 5.65 -4.89
C VAL A 75 0.80 6.59 -5.99
N GLU A 76 1.16 7.83 -5.64
CA GLU A 76 1.71 8.73 -6.64
C GLU A 76 3.16 8.37 -6.93
N GLY A 77 3.49 8.33 -8.21
CA GLY A 77 4.83 7.94 -8.64
C GLY A 77 5.00 6.45 -8.79
N ALA A 78 4.03 5.68 -8.29
CA ALA A 78 4.01 4.22 -8.41
C ALA A 78 3.90 3.74 -9.85
N THR A 79 4.46 2.56 -10.13
CA THR A 79 4.34 1.94 -11.44
C THR A 79 2.98 1.27 -11.57
N HIS A 80 2.62 0.96 -12.81
CA HIS A 80 1.35 0.33 -13.09
C HIS A 80 1.20 -1.01 -12.38
N LYS A 81 2.22 -1.85 -12.48
CA LYS A 81 2.19 -3.17 -11.82
C LYS A 81 1.99 -3.03 -10.30
N GLN A 82 2.68 -2.06 -9.72
CA GLN A 82 2.61 -1.78 -8.28
C GLN A 82 1.21 -1.40 -7.83
N VAL A 83 0.48 -0.67 -8.68
CA VAL A 83 -0.85 -0.25 -8.32
C VAL A 83 -1.87 -1.38 -8.51
N VAL A 84 -1.88 -2.03 -9.66
CA VAL A 84 -2.87 -3.08 -9.91
C VAL A 84 -2.70 -4.18 -8.89
N ASP A 85 -1.46 -4.44 -8.48
CA ASP A 85 -1.22 -5.39 -7.40
C ASP A 85 -1.95 -4.99 -6.15
N LEU A 86 -1.82 -3.72 -5.77
CA LEU A 86 -2.48 -3.21 -4.58
C LEU A 86 -3.99 -3.35 -4.59
N ILE A 87 -4.62 -3.17 -5.75
CA ILE A 87 -6.07 -3.37 -5.89
C ILE A 87 -6.47 -4.84 -5.69
N ARG A 88 -5.71 -5.73 -6.32
CA ARG A 88 -6.05 -7.14 -6.30
C ARG A 88 -5.72 -7.80 -4.95
N ALA A 89 -5.05 -7.06 -4.07
CA ALA A 89 -4.72 -7.56 -2.74
C ALA A 89 -5.96 -7.80 -1.89
N GLY A 90 -6.96 -6.93 -2.05
CA GLY A 90 -8.17 -6.99 -1.25
C GLY A 90 -9.07 -8.15 -1.60
N GLU A 91 -9.55 -8.85 -0.58
CA GLU A 91 -10.49 -9.97 -0.78
C GLU A 91 -11.84 -9.48 -1.27
N LYS A 92 -12.56 -8.76 -0.42
CA LYS A 92 -13.96 -8.41 -0.65
C LYS A 92 -14.12 -7.09 -1.39
N GLU A 93 -13.40 -6.06 -0.95
CA GLU A 93 -13.66 -4.73 -1.49
C GLU A 93 -12.40 -3.87 -1.71
N LEU A 94 -12.63 -2.64 -2.16
CA LEU A 94 -11.58 -1.76 -2.56
C LEU A 94 -12.01 -0.39 -2.14
N ILE A 95 -11.10 0.35 -1.53
CA ILE A 95 -11.37 1.72 -1.14
C ILE A 95 -10.41 2.60 -1.93
N LEU A 96 -10.98 3.38 -2.85
CA LEU A 96 -10.19 4.21 -3.76
C LEU A 96 -10.26 5.69 -3.45
N THR A 97 -9.10 6.33 -3.46
CA THR A 97 -9.09 7.79 -3.43
C THR A 97 -8.81 8.24 -4.86
N VAL A 98 -9.86 8.75 -5.49
CA VAL A 98 -9.81 9.15 -6.89
C VAL A 98 -9.85 10.65 -7.01
N LEU A 99 -9.31 11.15 -8.12
CA LEU A 99 -9.24 12.59 -8.36
C LEU A 99 -9.71 12.90 -9.79
N SER A 100 -10.74 13.73 -9.90
CA SER A 100 -11.25 14.18 -11.18
C SER A 100 -10.53 15.45 -11.62
N VAL A 101 -10.74 15.86 -12.87
CA VAL A 101 -9.92 16.91 -13.49
C VAL A 101 -10.67 18.24 -13.78
N GLU B 1 4.37 2.87 -19.76
CA GLU B 1 3.08 2.88 -20.52
C GLU B 1 2.34 1.55 -20.64
N SER B 2 1.23 1.40 -19.90
CA SER B 2 0.43 0.14 -19.93
C SER B 2 -0.92 0.16 -19.20
N GLU B 3 -1.87 -0.64 -19.71
CA GLU B 3 -3.25 -0.74 -19.21
C GLU B 3 -3.55 -2.07 -18.53
N SER B 4 -4.44 -2.06 -17.52
CA SER B 4 -4.98 -3.30 -16.95
C SER B 4 -6.47 -3.23 -16.67
N LYS B 5 -7.12 -4.36 -16.87
CA LYS B 5 -8.53 -4.51 -16.61
C LYS B 5 -8.69 -5.12 -15.23
N VAL B 6 -9.52 -4.53 -14.38
CA VAL B 6 -9.50 -4.98 -12.99
C VAL B 6 -10.86 -5.43 -12.35
N SER C 6 -22.44 8.39 7.87
CA SER C 6 -21.98 9.46 8.84
C SER C 6 -21.33 8.86 10.09
N PRO C 7 -20.41 9.60 10.74
CA PRO C 7 -19.54 9.05 11.77
C PRO C 7 -20.30 8.55 12.98
N ARG C 8 -19.77 7.51 13.61
CA ARG C 8 -20.37 6.91 14.79
C ARG C 8 -19.33 6.87 15.90
N VAL C 9 -19.83 7.00 17.13
CA VAL C 9 -18.96 6.99 18.31
C VAL C 9 -19.10 5.64 19.01
N VAL C 10 -17.97 4.97 19.17
CA VAL C 10 -17.95 3.61 19.64
C VAL C 10 -16.88 3.37 20.72
N ARG C 11 -17.20 2.54 21.70
CA ARG C 11 -16.33 2.27 22.84
C ARG C 11 -15.74 0.87 22.77
N ILE C 12 -14.42 0.77 22.78
CA ILE C 12 -13.73 -0.53 22.74
C ILE C 12 -13.06 -0.81 24.08
N VAL C 13 -13.39 -1.94 24.69
CA VAL C 13 -12.80 -2.27 25.96
C VAL C 13 -11.54 -3.10 25.75
N LYS C 14 -10.40 -2.54 26.15
CA LYS C 14 -9.11 -3.23 26.04
C LYS C 14 -9.14 -4.56 26.78
N SER C 15 -8.80 -5.62 26.06
CA SER C 15 -8.62 -6.94 26.64
C SER C 15 -7.16 -7.09 27.07
N GLU C 16 -6.83 -8.25 27.63
CA GLU C 16 -5.46 -8.56 28.01
C GLU C 16 -4.48 -8.34 26.85
N SER C 17 -4.94 -8.57 25.62
CA SER C 17 -4.08 -8.49 24.44
C SER C 17 -4.45 -7.32 23.55
N GLY C 18 -4.99 -6.27 24.13
CA GLY C 18 -5.21 -5.03 23.36
C GLY C 18 -6.62 -4.86 22.83
N TYR C 19 -6.75 -3.98 21.83
CA TYR C 19 -8.04 -3.63 21.25
C TYR C 19 -8.41 -4.45 20.01
N GLY C 20 -7.47 -5.23 19.49
CA GLY C 20 -7.76 -6.12 18.38
C GLY C 20 -8.17 -5.46 17.07
N PHE C 21 -7.36 -4.49 16.63
CA PHE C 21 -7.45 -3.86 15.31
C PHE C 21 -6.17 -3.11 14.94
N ASN C 22 -5.99 -2.84 13.65
CA ASN C 22 -4.79 -2.17 13.16
C ASN C 22 -5.08 -0.83 12.53
N VAL C 23 -4.22 0.13 12.83
CA VAL C 23 -4.31 1.47 12.25
C VAL C 23 -3.21 1.67 11.23
N ARG C 24 -3.56 2.23 10.08
CA ARG C 24 -2.59 2.60 9.09
C ARG C 24 -2.90 3.96 8.53
N GLY C 25 -1.86 4.74 8.26
CA GLY C 25 -2.05 6.06 7.69
C GLY C 25 -0.77 6.80 7.39
N GLN C 26 -0.88 8.13 7.28
CA GLN C 26 0.23 8.95 6.84
C GLN C 26 1.21 9.15 7.97
N VAL C 27 2.48 9.31 7.61
CA VAL C 27 3.56 9.47 8.57
C VAL C 27 3.81 10.93 8.92
N SER C 28 3.50 11.84 8.00
CA SER C 28 3.79 13.26 8.18
C SER C 28 2.52 14.11 8.21
N GLU C 29 2.58 15.20 8.98
CA GLU C 29 1.43 16.10 9.22
C GLU C 29 0.83 16.76 7.99
N GLY C 30 -0.40 17.23 8.16
CA GLY C 30 -1.07 18.02 7.14
C GLY C 30 -1.67 17.12 6.09
N GLY C 31 -1.32 17.39 4.83
CA GLY C 31 -1.82 16.63 3.68
C GLY C 31 -3.03 17.25 3.00
N GLN C 32 -3.30 16.77 1.79
CA GLN C 32 -4.46 17.16 0.97
C GLN C 32 -5.83 16.99 1.62
N LEU C 33 -6.70 17.98 1.44
CA LEU C 33 -8.08 17.89 1.92
C LEU C 33 -8.92 16.96 1.01
N ARG C 34 -9.70 16.06 1.60
CA ARG C 34 -10.45 15.04 0.85
C ARG C 34 -11.87 14.85 1.37
N SER C 35 -12.77 14.41 0.49
CA SER C 35 -14.16 14.26 0.88
C SER C 35 -14.62 12.81 1.01
N ILE C 36 -15.18 12.48 2.18
CA ILE C 36 -15.86 11.21 2.41
C ILE C 36 -17.34 11.48 2.70
N ASN C 37 -18.21 10.89 1.87
CA ASN C 37 -19.67 11.05 2.00
C ASN C 37 -20.06 12.53 1.91
N GLY C 38 -19.39 13.25 1.01
CA GLY C 38 -19.68 14.67 0.78
C GLY C 38 -19.23 15.61 1.89
N GLU C 39 -18.28 15.16 2.70
CA GLU C 39 -17.74 15.96 3.80
C GLU C 39 -16.23 16.05 3.70
N LEU C 40 -15.69 17.25 3.86
CA LEU C 40 -14.26 17.49 3.71
C LEU C 40 -13.43 17.25 4.98
N TYR C 41 -12.27 16.62 4.82
CA TYR C 41 -11.34 16.33 5.90
C TYR C 41 -9.90 16.44 5.47
N ALA C 42 -9.05 16.80 6.41
CA ALA C 42 -7.62 16.57 6.28
C ALA C 42 -7.37 15.08 6.48
N PRO C 43 -6.30 14.52 5.87
CA PRO C 43 -6.12 13.07 5.86
C PRO C 43 -6.35 12.38 7.22
N LEU C 44 -7.01 11.22 7.18
CA LEU C 44 -7.32 10.44 8.37
C LEU C 44 -6.60 9.11 8.33
N GLN C 45 -6.27 8.56 9.50
CA GLN C 45 -5.75 7.19 9.56
C GLN C 45 -6.93 6.28 9.34
N HIS C 46 -6.70 5.08 8.82
CA HIS C 46 -7.79 4.14 8.64
C HIS C 46 -7.50 2.82 9.34
N VAL C 47 -8.56 2.04 9.60
CA VAL C 47 -8.43 0.75 10.26
C VAL C 47 -8.06 -0.30 9.23
N SER C 48 -6.80 -0.72 9.25
CA SER C 48 -6.28 -1.54 8.17
C SER C 48 -6.51 -3.03 8.39
N ALA C 49 -6.91 -3.39 9.60
CA ALA C 49 -7.20 -4.77 9.97
C ALA C 49 -8.05 -4.81 11.23
N VAL C 50 -9.03 -5.71 11.26
CA VAL C 50 -9.81 -5.94 12.46
C VAL C 50 -9.75 -7.41 12.84
N LEU C 51 -9.20 -7.67 14.03
CA LEU C 51 -9.05 -9.03 14.54
C LEU C 51 -10.43 -9.61 14.79
N PRO C 52 -10.76 -10.72 14.11
CA PRO C 52 -12.09 -11.32 14.14
C PRO C 52 -12.48 -11.79 15.52
N GLY C 53 -13.66 -11.39 15.95
CA GLY C 53 -14.20 -11.79 17.24
C GLY C 53 -13.57 -11.09 18.43
N GLY C 54 -12.76 -10.06 18.17
CA GLY C 54 -12.09 -9.39 19.25
C GLY C 54 -12.41 -7.91 19.39
N ALA C 55 -12.73 -7.53 20.63
CA ALA C 55 -12.78 -6.14 21.10
C ALA C 55 -13.30 -5.12 20.10
N ALA C 56 -12.45 -4.71 19.17
CA ALA C 56 -12.84 -3.75 18.15
C ALA C 56 -13.94 -4.30 17.26
N ASP C 57 -13.81 -5.55 16.83
CA ASP C 57 -14.84 -6.21 16.02
C ASP C 57 -16.16 -6.12 16.76
N ARG C 58 -16.20 -6.70 17.96
CA ARG C 58 -17.39 -6.69 18.82
C ARG C 58 -18.00 -5.30 19.03
N ALA C 59 -17.14 -4.27 19.04
CA ALA C 59 -17.57 -2.89 19.23
C ALA C 59 -18.24 -2.33 17.98
N GLY C 60 -17.95 -2.91 16.83
CA GLY C 60 -18.60 -2.53 15.59
C GLY C 60 -17.68 -1.93 14.55
N VAL C 61 -16.42 -1.71 14.94
CA VAL C 61 -15.40 -1.19 14.02
C VAL C 61 -15.20 -2.12 12.82
N ARG C 62 -15.24 -1.55 11.62
CA ARG C 62 -15.05 -2.30 10.39
C ARG C 62 -13.73 -1.97 9.70
N LYS C 63 -13.16 -2.94 8.99
CA LYS C 63 -11.96 -2.72 8.20
C LYS C 63 -12.23 -1.59 7.20
N GLY C 64 -11.26 -0.69 7.04
CA GLY C 64 -11.38 0.42 6.11
C GLY C 64 -12.10 1.61 6.70
N ASP C 65 -12.48 1.51 7.98
CA ASP C 65 -13.08 2.65 8.65
C ASP C 65 -12.03 3.70 8.84
N ARG C 66 -12.43 4.95 8.67
CA ARG C 66 -11.54 6.07 8.93
C ARG C 66 -11.68 6.54 10.38
N ILE C 67 -10.57 6.92 11.00
CA ILE C 67 -10.61 7.39 12.37
C ILE C 67 -10.65 8.90 12.42
N LEU C 68 -11.75 9.42 12.91
CA LEU C 68 -11.93 10.86 12.96
C LEU C 68 -11.51 11.45 14.31
N GLU C 69 -11.82 10.75 15.40
CA GLU C 69 -11.48 11.24 16.72
C GLU C 69 -11.07 10.09 17.62
N VAL C 70 -10.12 10.37 18.50
CA VAL C 70 -9.70 9.46 19.54
C VAL C 70 -10.05 10.08 20.88
N ASN C 71 -10.92 9.41 21.63
CA ASN C 71 -11.32 9.88 22.94
C ASN C 71 -11.87 11.31 22.94
N GLY C 72 -12.42 11.70 21.80
CA GLY C 72 -13.03 13.03 21.65
C GLY C 72 -12.11 14.05 21.01
N VAL C 73 -10.86 13.65 20.83
CA VAL C 73 -9.86 14.49 20.16
C VAL C 73 -9.96 14.27 18.67
N ASN C 74 -10.31 15.31 17.93
CA ASN C 74 -10.31 15.24 16.47
C ASN C 74 -8.89 15.04 16.00
N VAL C 75 -8.69 14.06 15.13
CA VAL C 75 -7.35 13.74 14.69
C VAL C 75 -7.18 13.80 13.18
N GLU C 76 -7.92 14.68 12.50
CA GLU C 76 -7.72 14.80 11.07
C GLU C 76 -6.46 15.59 10.78
N GLY C 77 -5.68 15.08 9.84
CA GLY C 77 -4.41 15.70 9.48
C GLY C 77 -3.25 15.26 10.36
N ALA C 78 -3.59 14.54 11.43
CA ALA C 78 -2.60 14.01 12.37
C ALA C 78 -1.72 12.94 11.73
N THR C 79 -0.49 12.80 12.24
CA THR C 79 0.41 11.78 11.79
C THR C 79 0.07 10.47 12.46
N HIS C 80 0.56 9.37 11.87
CA HIS C 80 0.34 8.05 12.40
C HIS C 80 0.80 7.92 13.85
N LYS C 81 2.03 8.34 14.12
CA LYS C 81 2.57 8.25 15.46
C LYS C 81 1.68 8.99 16.46
N GLN C 82 1.20 10.17 16.04
CA GLN C 82 0.37 11.04 16.89
C GLN C 82 -0.94 10.36 17.24
N VAL C 83 -1.46 9.56 16.33
CA VAL C 83 -2.73 8.89 16.58
C VAL C 83 -2.54 7.67 17.45
N VAL C 84 -1.64 6.77 17.08
CA VAL C 84 -1.45 5.56 17.88
C VAL C 84 -1.11 5.93 19.31
N ASP C 85 -0.33 7.01 19.48
CA ASP C 85 -0.04 7.48 20.82
C ASP C 85 -1.30 7.77 21.59
N LEU C 86 -2.23 8.48 20.95
CA LEU C 86 -3.47 8.86 21.59
C LEU C 86 -4.32 7.67 22.01
N ILE C 87 -4.32 6.60 21.22
CA ILE C 87 -5.03 5.37 21.57
C ILE C 87 -4.42 4.71 22.81
N ARG C 88 -3.09 4.63 22.82
CA ARG C 88 -2.37 3.91 23.84
C ARG C 88 -2.34 4.67 25.16
N ALA C 89 -2.82 5.92 25.13
CA ALA C 89 -2.84 6.75 26.31
C ALA C 89 -3.85 6.24 27.36
N GLY C 90 -4.96 5.69 26.87
CA GLY C 90 -6.04 5.21 27.73
C GLY C 90 -5.68 3.94 28.49
N GLU C 91 -5.96 3.94 29.79
CA GLU C 91 -5.70 2.78 30.62
C GLU C 91 -6.65 1.63 30.24
N LYS C 92 -7.95 1.82 30.51
CA LYS C 92 -8.92 0.75 30.44
C LYS C 92 -9.55 0.63 29.07
N GLU C 93 -9.99 1.75 28.49
CA GLU C 93 -10.77 1.69 27.27
C GLU C 93 -10.44 2.77 26.26
N LEU C 94 -11.17 2.74 25.15
CA LEU C 94 -10.93 3.61 24.04
C LEU C 94 -12.27 4.00 23.47
N ILE C 95 -12.45 5.28 23.20
CA ILE C 95 -13.66 5.75 22.59
C ILE C 95 -13.28 6.31 21.24
N LEU C 96 -13.77 5.66 20.18
CA LEU C 96 -13.41 6.02 18.81
C LEU C 96 -14.55 6.63 18.05
N THR C 97 -14.24 7.71 17.34
CA THR C 97 -15.19 8.22 16.35
C THR C 97 -14.71 7.76 14.97
N VAL C 98 -15.43 6.80 14.43
CA VAL C 98 -15.03 6.17 13.19
C VAL C 98 -15.96 6.58 12.09
N LEU C 99 -15.47 6.51 10.85
CA LEU C 99 -16.25 6.86 9.68
C LEU C 99 -16.12 5.79 8.60
N SER C 100 -17.26 5.23 8.19
CA SER C 100 -17.28 4.26 7.10
C SER C 100 -17.46 4.97 5.77
N VAL C 101 -17.33 4.24 4.65
CA VAL C 101 -17.24 4.87 3.33
C VAL C 101 -18.44 4.59 2.39
N GLU D 1 3.57 6.76 5.33
CA GLU D 1 3.08 5.36 5.08
C GLU D 1 3.47 4.33 6.15
N SER D 2 2.53 4.02 7.06
CA SER D 2 2.84 3.19 8.25
C SER D 2 1.68 2.54 9.01
N GLU D 3 1.91 1.34 9.54
CA GLU D 3 0.87 0.54 10.19
C GLU D 3 1.24 0.28 11.64
N SER D 4 0.23 0.11 12.49
CA SER D 4 0.47 -0.32 13.87
C SER D 4 -0.63 -1.23 14.37
N LYS D 5 -0.20 -2.15 15.21
CA LYS D 5 -1.05 -3.17 15.80
C LYS D 5 -1.48 -2.64 17.15
N VAL D 6 -2.79 -2.61 17.39
CA VAL D 6 -3.23 -1.88 18.57
C VAL D 6 -4.07 -2.76 19.55
N SER E 6 21.85 -19.00 4.84
CA SER E 6 22.80 -18.09 5.57
C SER E 6 22.73 -16.65 5.02
N PRO E 7 23.01 -15.63 5.86
CA PRO E 7 22.73 -14.24 5.51
C PRO E 7 23.49 -13.77 4.28
N ARG E 8 22.90 -12.85 3.54
CA ARG E 8 23.54 -12.27 2.37
C ARG E 8 23.54 -10.75 2.49
N VAL E 9 24.57 -10.14 1.91
CA VAL E 9 24.74 -8.69 1.95
C VAL E 9 24.37 -8.13 0.59
N VAL E 10 23.42 -7.21 0.60
CA VAL E 10 22.81 -6.70 -0.61
C VAL E 10 22.67 -5.16 -0.58
N ARG E 11 22.88 -4.53 -1.74
CA ARG E 11 22.83 -3.09 -1.88
C ARG E 11 21.56 -2.65 -2.63
N ILE E 12 20.77 -1.78 -2.00
CA ILE E 12 19.56 -1.22 -2.63
C ILE E 12 19.74 0.26 -2.98
N VAL E 13 19.55 0.60 -4.25
CA VAL E 13 19.71 2.00 -4.64
C VAL E 13 18.38 2.72 -4.54
N LYS E 14 18.31 3.70 -3.65
CA LYS E 14 17.09 4.50 -3.46
C LYS E 14 16.68 5.16 -4.76
N SER E 15 15.44 4.92 -5.15
CA SER E 15 14.84 5.61 -6.29
C SER E 15 14.17 6.90 -5.80
N GLU E 16 13.56 7.64 -6.73
CA GLU E 16 12.80 8.82 -6.38
C GLU E 16 11.76 8.54 -5.29
N SER E 17 11.21 7.33 -5.27
CA SER E 17 10.15 6.99 -4.36
C SER E 17 10.58 5.97 -3.32
N GLY E 18 11.86 5.96 -2.98
CA GLY E 18 12.34 5.14 -1.86
C GLY E 18 12.96 3.82 -2.26
N TYR E 19 13.02 2.89 -1.32
CA TYR E 19 13.64 1.57 -1.52
C TYR E 19 12.67 0.48 -1.93
N GLY E 20 11.37 0.76 -1.89
CA GLY E 20 10.37 -0.21 -2.34
C GLY E 20 10.32 -1.53 -1.57
N PHE E 21 10.24 -1.42 -0.24
CA PHE E 21 9.93 -2.55 0.65
C PHE E 21 9.45 -2.06 2.02
N ASN E 22 8.81 -2.97 2.77
CA ASN E 22 8.29 -2.66 4.11
C ASN E 22 8.97 -3.44 5.22
N VAL E 23 9.22 -2.75 6.33
CA VAL E 23 9.79 -3.36 7.51
C VAL E 23 8.73 -3.45 8.59
N ARG E 24 8.70 -4.59 9.26
CA ARG E 24 7.82 -4.78 10.40
C ARG E 24 8.55 -5.52 11.49
N GLY E 25 8.32 -5.13 12.74
CA GLY E 25 8.92 -5.83 13.86
C GLY E 25 8.51 -5.32 15.21
N GLN E 26 9.35 -5.60 16.21
CA GLN E 26 9.02 -5.28 17.58
C GLN E 26 9.22 -3.81 17.87
N VAL E 27 8.41 -3.28 18.78
CA VAL E 27 8.43 -1.87 19.13
C VAL E 27 9.40 -1.58 20.28
N SER E 28 9.64 -2.57 21.13
CA SER E 28 10.45 -2.38 22.32
C SER E 28 11.69 -3.26 22.31
N GLU E 29 12.76 -2.75 22.94
CA GLU E 29 14.09 -3.38 22.92
C GLU E 29 14.15 -4.76 23.54
N GLY E 30 15.24 -5.47 23.22
CA GLY E 30 15.54 -6.75 23.83
C GLY E 30 14.73 -7.84 23.19
N GLY E 31 14.02 -8.61 24.03
CA GLY E 31 13.20 -9.72 23.57
C GLY E 31 13.91 -11.08 23.61
N GLN E 32 13.10 -12.13 23.53
CA GLN E 32 13.52 -13.53 23.49
C GLN E 32 14.56 -13.90 22.42
N LEU E 33 15.55 -14.68 22.79
CA LEU E 33 16.52 -15.18 21.83
C LEU E 33 15.92 -16.32 21.00
N ARG E 34 16.12 -16.29 19.68
CA ARG E 34 15.49 -17.25 18.76
C ARG E 34 16.45 -17.77 17.71
N SER E 35 16.18 -18.96 17.17
CA SER E 35 17.08 -19.55 16.18
C SER E 35 16.50 -19.60 14.76
N ILE E 36 17.26 -19.07 13.81
CA ILE E 36 16.95 -19.20 12.39
C ILE E 36 18.09 -19.95 11.72
N ASN E 37 17.76 -21.06 11.07
CA ASN E 37 18.74 -21.92 10.40
C ASN E 37 19.84 -22.38 11.38
N GLY E 38 19.43 -22.71 12.59
CA GLY E 38 20.35 -23.19 13.62
C GLY E 38 21.29 -22.15 14.20
N GLU E 39 20.93 -20.88 14.07
CA GLU E 39 21.75 -19.79 14.60
C GLU E 39 20.90 -18.89 15.50
N LEU E 40 21.44 -18.53 16.65
CA LEU E 40 20.70 -17.76 17.65
C LEU E 40 20.78 -16.24 17.45
N TYR E 41 19.63 -15.57 17.63
CA TYR E 41 19.52 -14.12 17.51
C TYR E 41 18.53 -13.51 18.48
N ALA E 42 18.82 -12.29 18.90
CA ALA E 42 17.84 -11.44 19.55
C ALA E 42 16.87 -11.02 18.44
N PRO E 43 15.60 -10.72 18.78
CA PRO E 43 14.57 -10.46 17.77
C PRO E 43 15.00 -9.51 16.65
N LEU E 44 14.64 -9.88 15.41
CA LEU E 44 14.95 -9.10 14.22
C LEU E 44 13.69 -8.54 13.58
N GLN E 45 13.80 -7.39 12.94
CA GLN E 45 12.71 -6.88 12.11
C GLN E 45 12.69 -7.71 10.84
N HIS E 46 11.52 -7.87 10.24
CA HIS E 46 11.45 -8.59 8.99
C HIS E 46 10.83 -7.76 7.88
N VAL E 47 11.09 -8.16 6.64
CA VAL E 47 10.57 -7.46 5.47
C VAL E 47 9.14 -7.92 5.23
N SER E 48 8.18 -7.07 5.56
CA SER E 48 6.78 -7.48 5.56
C SER E 48 6.11 -7.30 4.20
N ALA E 49 6.77 -6.58 3.30
CA ALA E 49 6.27 -6.35 1.95
C ALA E 49 7.41 -5.92 1.03
N VAL E 50 7.43 -6.44 -0.19
CA VAL E 50 8.38 -6.00 -1.19
C VAL E 50 7.64 -5.52 -2.43
N LEU E 51 7.82 -4.25 -2.75
CA LEU E 51 7.16 -3.64 -3.90
C LEU E 51 7.70 -4.29 -5.17
N PRO E 52 6.81 -4.92 -5.96
CA PRO E 52 7.19 -5.69 -7.14
C PRO E 52 7.88 -4.84 -8.19
N GLY E 53 9.03 -5.33 -8.66
CA GLY E 53 9.79 -4.67 -9.70
C GLY E 53 10.51 -3.41 -9.25
N GLY E 54 10.58 -3.19 -7.95
CA GLY E 54 11.20 -2.00 -7.45
C GLY E 54 12.38 -2.25 -6.53
N ALA E 55 13.47 -1.55 -6.83
CA ALA E 55 14.61 -1.34 -5.93
C ALA E 55 15.01 -2.54 -5.07
N ALA E 56 14.27 -2.74 -3.98
CA ALA E 56 14.52 -3.87 -3.07
C ALA E 56 14.31 -5.20 -3.76
N ASP E 57 13.20 -5.33 -4.50
CA ASP E 57 12.94 -6.52 -5.30
C ASP E 57 14.14 -6.82 -6.20
N ARG E 58 14.46 -5.87 -7.08
CA ARG E 58 15.60 -5.96 -8.00
C ARG E 58 16.93 -6.32 -7.32
N ALA E 59 17.09 -5.86 -6.07
CA ALA E 59 18.29 -6.13 -5.28
C ALA E 59 18.34 -7.57 -4.74
N GLY E 60 17.17 -8.20 -4.64
CA GLY E 60 17.11 -9.61 -4.29
C GLY E 60 16.38 -9.86 -3.00
N VAL E 61 16.02 -8.78 -2.30
CA VAL E 61 15.29 -8.86 -1.05
C VAL E 61 13.96 -9.57 -1.21
N ARG E 62 13.70 -10.58 -0.40
CA ARG E 62 12.43 -11.33 -0.41
C ARG E 62 11.52 -11.02 0.79
N LYS E 63 10.21 -11.07 0.57
CA LYS E 63 9.23 -10.96 1.66
C LYS E 63 9.55 -12.01 2.73
N GLY E 64 9.49 -11.61 4.00
CA GLY E 64 9.75 -12.50 5.11
C GLY E 64 11.23 -12.62 5.44
N ASP E 65 12.07 -11.90 4.72
CA ASP E 65 13.48 -11.87 5.05
C ASP E 65 13.67 -11.13 6.34
N ARG E 66 14.56 -11.62 7.18
CA ARG E 66 14.88 -10.94 8.42
C ARG E 66 16.03 -9.97 8.19
N ILE E 67 16.00 -8.83 8.89
CA ILE E 67 17.07 -7.86 8.75
C ILE E 67 18.07 -8.02 9.86
N LEU E 68 19.28 -8.41 9.51
CA LEU E 68 20.32 -8.61 10.50
C LEU E 68 21.18 -7.37 10.71
N GLU E 69 21.53 -6.69 9.63
CA GLU E 69 22.36 -5.51 9.72
C GLU E 69 21.89 -4.45 8.74
N VAL E 70 22.02 -3.19 9.17
CA VAL E 70 21.79 -2.04 8.31
C VAL E 70 23.11 -1.30 8.16
N ASN E 71 23.57 -1.22 6.92
CA ASN E 71 24.83 -0.52 6.62
C ASN E 71 26.02 -1.01 7.44
N GLY E 72 25.96 -2.28 7.85
CA GLY E 72 27.04 -2.92 8.59
C GLY E 72 26.82 -2.92 10.08
N VAL E 73 25.76 -2.22 10.51
CA VAL E 73 25.37 -2.16 11.90
C VAL E 73 24.45 -3.32 12.19
N ASN E 74 24.88 -4.22 13.06
CA ASN E 74 24.04 -5.33 13.53
C ASN E 74 22.89 -4.76 14.32
N VAL E 75 21.69 -5.20 13.98
CA VAL E 75 20.49 -4.64 14.58
C VAL E 75 19.60 -5.69 15.22
N GLU E 76 20.19 -6.76 15.74
CA GLU E 76 19.38 -7.73 16.46
C GLU E 76 19.03 -7.22 17.84
N GLY E 77 17.76 -7.36 18.19
CA GLY E 77 17.23 -6.86 19.46
C GLY E 77 16.80 -5.41 19.42
N ALA E 78 17.12 -4.74 18.32
CA ALA E 78 16.75 -3.35 18.09
C ALA E 78 15.24 -3.19 17.93
N THR E 79 14.75 -2.01 18.31
CA THR E 79 13.34 -1.68 18.16
C THR E 79 13.09 -1.27 16.73
N HIS E 80 11.82 -1.27 16.34
CA HIS E 80 11.40 -0.89 15.01
C HIS E 80 11.84 0.53 14.64
N LYS E 81 11.59 1.48 15.54
CA LYS E 81 11.97 2.86 15.27
C LYS E 81 13.47 2.97 15.04
N GLN E 82 14.24 2.26 15.86
CA GLN E 82 15.70 2.27 15.79
C GLN E 82 16.22 1.78 14.45
N VAL E 83 15.52 0.82 13.85
CA VAL E 83 15.95 0.25 12.59
C VAL E 83 15.56 1.15 11.43
N VAL E 84 14.28 1.54 11.35
CA VAL E 84 13.85 2.38 10.23
C VAL E 84 14.64 3.68 10.20
N ASP E 85 15.00 4.19 11.38
CA ASP E 85 15.86 5.35 11.44
C ASP E 85 17.17 5.08 10.72
N LEU E 86 17.80 3.96 11.04
CA LEU E 86 19.07 3.59 10.42
C LEU E 86 19.02 3.49 8.90
N ILE E 87 17.93 2.96 8.36
CA ILE E 87 17.73 2.92 6.91
C ILE E 87 17.66 4.32 6.31
N ARG E 88 16.87 5.18 6.94
CA ARG E 88 16.60 6.50 6.39
C ARG E 88 17.79 7.46 6.55
N ALA E 89 18.81 7.01 7.27
CA ALA E 89 20.03 7.80 7.49
C ALA E 89 20.83 7.98 6.20
N GLY E 90 20.85 6.94 5.37
CA GLY E 90 21.63 6.96 4.12
C GLY E 90 21.04 7.86 3.07
N GLU E 91 21.90 8.68 2.47
CA GLU E 91 21.48 9.58 1.38
C GLU E 91 21.09 8.81 0.13
N LYS E 92 22.08 8.18 -0.50
CA LYS E 92 21.91 7.58 -1.81
C LYS E 92 21.43 6.15 -1.75
N GLU E 93 22.07 5.34 -0.92
CA GLU E 93 21.80 3.91 -0.95
C GLU E 93 21.76 3.23 0.42
N LEU E 94 21.52 1.93 0.41
CA LEU E 94 21.32 1.15 1.61
C LEU E 94 22.00 -0.17 1.38
N ILE E 95 22.74 -0.63 2.38
CA ILE E 95 23.37 -1.93 2.31
C ILE E 95 22.76 -2.77 3.41
N LEU E 96 22.03 -3.81 2.99
CA LEU E 96 21.31 -4.66 3.93
C LEU E 96 21.89 -6.04 4.06
N THR E 97 22.01 -6.49 5.30
CA THR E 97 22.33 -7.88 5.54
C THR E 97 21.02 -8.56 5.93
N VAL E 98 20.51 -9.35 5.00
CA VAL E 98 19.21 -9.99 5.14
C VAL E 98 19.38 -11.47 5.35
N LEU E 99 18.38 -12.08 5.98
CA LEU E 99 18.42 -13.50 6.29
C LEU E 99 17.08 -14.13 5.90
N SER E 100 17.14 -15.14 5.02
CA SER E 100 15.95 -15.89 4.62
C SER E 100 15.76 -17.07 5.56
N VAL E 101 14.63 -17.78 5.44
CA VAL E 101 14.25 -18.79 6.43
C VAL E 101 14.25 -20.23 5.88
N GLU F 1 5.02 -3.99 18.15
CA GLU F 1 4.19 -4.33 16.94
C GLU F 1 3.88 -3.17 15.99
N SER F 2 4.62 -3.07 14.88
CA SER F 2 4.51 -1.92 13.95
C SER F 2 5.23 -2.05 12.62
N GLU F 3 4.58 -1.61 11.55
CA GLU F 3 5.10 -1.70 10.19
C GLU F 3 5.48 -0.33 9.62
N SER F 4 6.44 -0.31 8.70
CA SER F 4 6.81 0.91 7.99
C SER F 4 7.13 0.67 6.53
N LYS F 5 6.64 1.58 5.70
CA LYS F 5 6.86 1.52 4.27
C LYS F 5 8.14 2.28 4.00
N VAL F 6 9.09 1.67 3.32
CA VAL F 6 10.38 2.35 3.23
C VAL F 6 10.89 2.67 1.78
N SER G 6 14.61 -22.59 23.11
CA SER G 6 14.22 -21.21 22.69
C SER G 6 13.59 -21.23 21.29
N PRO G 7 12.72 -20.24 20.99
CA PRO G 7 11.89 -20.32 19.80
C PRO G 7 12.70 -20.33 18.52
N ARG G 8 12.16 -20.99 17.49
CA ARG G 8 12.80 -21.03 16.19
C ARG G 8 11.82 -20.57 15.10
N VAL G 9 12.36 -19.91 14.07
CA VAL G 9 11.56 -19.40 12.97
C VAL G 9 11.71 -20.33 11.78
N VAL G 10 10.57 -20.82 11.30
CA VAL G 10 10.55 -21.86 10.30
C VAL G 10 9.52 -21.56 9.19
N ARG G 11 9.85 -21.94 7.97
CA ARG G 11 9.01 -21.67 6.81
C ARG G 11 8.38 -22.96 6.29
N ILE G 12 7.06 -22.98 6.21
CA ILE G 12 6.33 -24.13 5.66
C ILE G 12 5.73 -23.82 4.28
N VAL G 13 6.08 -24.62 3.29
CA VAL G 13 5.53 -24.39 1.96
C VAL G 13 4.25 -25.20 1.79
N LYS G 14 3.13 -24.49 1.61
CA LYS G 14 1.83 -25.12 1.37
C LYS G 14 1.87 -26.03 0.16
N SER G 15 1.50 -27.30 0.37
CA SER G 15 1.32 -28.23 -0.74
C SER G 15 -0.12 -28.14 -1.24
N GLU G 16 -0.44 -28.96 -2.24
CA GLU G 16 -1.81 -29.03 -2.76
C GLU G 16 -2.84 -29.29 -1.65
N SER G 17 -2.44 -30.02 -0.62
CA SER G 17 -3.34 -30.40 0.47
C SER G 17 -3.02 -29.71 1.79
N GLY G 18 -2.43 -28.52 1.73
CA GLY G 18 -2.21 -27.73 2.94
C GLY G 18 -0.82 -27.83 3.55
N TYR G 19 -0.72 -27.48 4.83
CA TYR G 19 0.55 -27.44 5.54
C TYR G 19 0.86 -28.70 6.32
N GLY G 20 -0.11 -29.62 6.40
CA GLY G 20 0.10 -30.91 7.07
C GLY G 20 0.47 -30.85 8.55
N PHE G 21 -0.33 -30.11 9.31
CA PHE G 21 -0.28 -30.09 10.78
C PHE G 21 -1.57 -29.52 11.38
N ASN G 22 -1.79 -29.80 12.67
CA ASN G 22 -3.00 -29.37 13.38
C ASN G 22 -2.70 -28.41 14.50
N VAL G 23 -3.55 -27.41 14.62
CA VAL G 23 -3.46 -26.43 15.70
C VAL G 23 -4.60 -26.66 16.69
N ARG G 24 -4.27 -26.59 17.97
CA ARG G 24 -5.27 -26.65 19.01
C ARG G 24 -4.94 -25.64 20.10
N GLY G 25 -5.97 -25.02 20.67
CA GLY G 25 -5.78 -24.07 21.74
C GLY G 25 -7.07 -23.49 22.29
N GLN G 26 -6.93 -22.33 22.93
CA GLN G 26 -8.06 -21.71 23.61
C GLN G 26 -9.00 -21.02 22.65
N VAL G 27 -10.27 -20.99 23.00
CA VAL G 27 -11.31 -20.42 22.16
C VAL G 27 -11.53 -18.94 22.46
N SER G 28 -11.25 -18.53 23.69
CA SER G 28 -11.50 -17.15 24.11
C SER G 28 -10.23 -16.41 24.49
N GLU G 29 -10.24 -15.10 24.27
CA GLU G 29 -9.07 -14.23 24.43
C GLU G 29 -8.51 -14.19 25.84
N GLY G 30 -7.27 -13.71 25.92
CA GLY G 30 -6.62 -13.45 27.20
C GLY G 30 -6.10 -14.73 27.80
N GLY G 31 -6.50 -15.00 29.04
CA GLY G 31 -6.05 -16.18 29.78
C GLY G 31 -4.82 -15.95 30.65
N GLN G 32 -4.60 -16.89 31.55
CA GLN G 32 -3.48 -16.90 32.49
C GLN G 32 -2.10 -16.81 31.88
N LEU G 33 -1.21 -16.03 32.50
CA LEU G 33 0.18 -15.94 32.06
C LEU G 33 0.98 -17.16 32.53
N ARG G 34 1.77 -17.76 31.63
CA ARG G 34 2.47 -19.01 31.91
C ARG G 34 3.91 -18.99 31.42
N SER G 35 4.78 -19.80 32.04
CA SER G 35 6.19 -19.82 31.66
C SER G 35 6.61 -21.10 30.95
N ILE G 36 7.23 -20.94 29.79
CA ILE G 36 7.87 -22.04 29.07
C ILE G 36 9.37 -21.73 28.98
N ASN G 37 10.19 -22.65 29.49
CA ASN G 37 11.63 -22.49 29.47
C ASN G 37 12.02 -21.19 30.17
N GLY G 38 11.34 -20.90 31.27
CA GLY G 38 11.64 -19.72 32.10
C GLY G 38 11.26 -18.39 31.47
N GLU G 39 10.36 -18.42 30.50
CA GLU G 39 9.90 -17.21 29.83
C GLU G 39 8.38 -17.10 29.89
N LEU G 40 7.89 -15.91 30.20
CA LEU G 40 6.45 -15.71 30.44
C LEU G 40 5.65 -15.41 29.17
N TYR G 41 4.48 -16.03 29.05
CA TYR G 41 3.58 -15.83 27.90
C TYR G 41 2.12 -15.86 28.29
N ALA G 42 1.32 -15.11 27.53
CA ALA G 42 -0.12 -15.30 27.51
C ALA G 42 -0.36 -16.58 26.73
N PRO G 43 -1.49 -17.27 26.98
CA PRO G 43 -1.72 -18.58 26.39
C PRO G 43 -1.43 -18.67 24.88
N LEU G 44 -0.81 -19.77 24.47
CA LEU G 44 -0.43 -20.02 23.08
C LEU G 44 -1.18 -21.21 22.53
N GLN G 45 -1.47 -21.19 21.23
CA GLN G 45 -1.99 -22.39 20.56
C GLN G 45 -0.83 -23.36 20.42
N HIS G 46 -1.14 -24.65 20.39
CA HIS G 46 -0.08 -25.62 20.19
C HIS G 46 -0.37 -26.52 18.99
N VAL G 47 0.67 -27.14 18.46
CA VAL G 47 0.54 -28.04 17.33
C VAL G 47 0.14 -29.43 17.84
N SER G 48 -1.13 -29.76 17.61
CA SER G 48 -1.72 -30.95 18.22
C SER G 48 -1.50 -32.21 17.41
N ALA G 49 -1.06 -32.03 16.17
CA ALA G 49 -0.78 -33.15 15.27
C ALA G 49 0.11 -32.69 14.13
N VAL G 50 1.06 -33.53 13.74
CA VAL G 50 1.90 -33.25 12.58
C VAL G 50 1.81 -34.43 11.61
N LEU G 51 1.31 -34.14 10.41
CA LEU G 51 1.18 -35.14 9.37
C LEU G 51 2.57 -35.62 8.95
N PRO G 52 2.85 -36.94 9.13
CA PRO G 52 4.17 -37.51 8.90
C PRO G 52 4.61 -37.37 7.45
N GLY G 53 5.83 -36.88 7.27
CA GLY G 53 6.42 -36.72 5.95
C GLY G 53 5.84 -35.58 5.13
N GLY G 54 5.06 -34.72 5.77
CA GLY G 54 4.41 -33.64 5.06
C GLY G 54 4.75 -32.25 5.55
N ALA G 55 5.13 -31.40 4.59
CA ALA G 55 5.22 -29.94 4.74
C ALA G 55 5.71 -29.44 6.09
N ALA G 56 4.84 -29.45 7.09
CA ALA G 56 5.20 -29.01 8.43
C ALA G 56 6.28 -29.92 9.04
N ASP G 57 6.11 -31.23 8.91
CA ASP G 57 7.09 -32.19 9.39
C ASP G 57 8.44 -31.83 8.80
N ARG G 58 8.51 -31.84 7.47
CA ARG G 58 9.72 -31.51 6.72
C ARG G 58 10.37 -30.18 7.12
N ALA G 59 9.53 -29.22 7.53
CA ALA G 59 10.00 -27.90 7.94
C ALA G 59 10.64 -27.93 9.33
N GLY G 60 10.27 -28.93 10.13
CA GLY G 60 10.89 -29.12 11.44
C GLY G 60 9.94 -28.98 12.62
N VAL G 61 8.70 -28.59 12.31
CA VAL G 61 7.65 -28.49 13.31
C VAL G 61 7.39 -29.83 14.01
N ARG G 62 7.43 -29.83 15.34
CA ARG G 62 7.16 -31.02 16.15
C ARG G 62 5.80 -30.94 16.88
N LYS G 63 5.18 -32.09 17.09
CA LYS G 63 3.95 -32.18 17.88
C LYS G 63 4.21 -31.56 19.26
N GLY G 64 3.24 -30.79 19.76
CA GLY G 64 3.38 -30.17 21.08
C GLY G 64 4.17 -28.88 21.06
N ASP G 65 4.59 -28.45 19.89
CA ASP G 65 5.20 -27.13 19.75
C ASP G 65 4.17 -26.06 19.97
N ARG G 66 4.56 -25.00 20.65
CA ARG G 66 3.69 -23.87 20.85
C ARG G 66 3.91 -22.86 19.74
N ILE G 67 2.84 -22.20 19.32
CA ILE G 67 2.93 -21.19 18.26
C ILE G 67 3.02 -19.79 18.84
N LEU G 68 4.18 -19.19 18.67
CA LEU G 68 4.40 -17.88 19.22
C LEU G 68 4.03 -16.75 18.24
N GLU G 69 4.41 -16.93 16.97
CA GLU G 69 4.12 -15.93 15.95
C GLU G 69 3.72 -16.58 14.64
N VAL G 70 2.81 -15.90 13.93
CA VAL G 70 2.42 -16.33 12.60
C VAL G 70 2.82 -15.21 11.66
N ASN G 71 3.70 -15.52 10.72
CA ASN G 71 4.17 -14.54 9.73
C ASN G 71 4.74 -13.27 10.34
N GLY G 72 5.29 -13.40 11.54
CA GLY G 72 5.89 -12.28 12.25
C GLY G 72 4.97 -11.62 13.24
N VAL G 73 3.69 -11.98 13.19
CA VAL G 73 2.72 -11.47 14.13
C VAL G 73 2.74 -12.33 15.38
N ASN G 74 3.08 -11.72 16.51
CA ASN G 74 3.01 -12.38 17.82
C ASN G 74 1.56 -12.70 18.14
N VAL G 75 1.31 -13.95 18.53
CA VAL G 75 -0.06 -14.38 18.73
C VAL G 75 -0.34 -14.93 20.12
N GLU G 76 0.41 -14.46 21.12
CA GLU G 76 0.15 -14.94 22.47
C GLU G 76 -1.12 -14.28 23.03
N GLY G 77 -1.97 -15.11 23.64
CA GLY G 77 -3.24 -14.66 24.18
C GLY G 77 -4.35 -14.65 23.16
N ALA G 78 -3.98 -14.85 21.89
CA ALA G 78 -4.94 -14.92 20.77
C ALA G 78 -5.85 -16.14 20.88
N THR G 79 -7.06 -16.00 20.34
CA THR G 79 -8.01 -17.10 20.30
C THR G 79 -7.66 -18.04 19.16
N HIS G 80 -8.20 -19.25 19.22
CA HIS G 80 -7.96 -20.24 18.19
C HIS G 80 -8.36 -19.75 16.81
N LYS G 81 -9.58 -19.21 16.69
CA LYS G 81 -10.08 -18.70 15.42
C LYS G 81 -9.16 -17.61 14.86
N GLN G 82 -8.65 -16.77 15.76
CA GLN G 82 -7.78 -15.66 15.38
C GLN G 82 -6.47 -16.15 14.80
N VAL G 83 -5.98 -17.28 15.30
CA VAL G 83 -4.72 -17.82 14.85
C VAL G 83 -4.87 -18.56 13.52
N VAL G 84 -5.80 -19.52 13.46
CA VAL G 84 -6.00 -20.28 12.22
C VAL G 84 -6.31 -19.36 11.06
N ASP G 85 -7.04 -18.28 11.31
CA ASP G 85 -7.27 -17.27 10.31
C ASP G 85 -5.95 -16.71 9.77
N LEU G 86 -5.05 -16.36 10.69
CA LEU G 86 -3.76 -15.81 10.31
C LEU G 86 -2.92 -16.74 9.44
N ILE G 87 -2.97 -18.04 9.73
CA ILE G 87 -2.29 -19.03 8.90
C ILE G 87 -2.87 -19.09 7.49
N ARG G 88 -4.20 -19.12 7.40
CA ARG G 88 -4.86 -19.31 6.14
C ARG G 88 -4.83 -18.06 5.26
N ALA G 89 -4.36 -16.95 5.82
CA ALA G 89 -4.24 -15.68 5.10
C ALA G 89 -3.20 -15.75 3.96
N GLY G 90 -2.10 -16.46 4.22
CA GLY G 90 -1.00 -16.60 3.26
C GLY G 90 -1.35 -17.44 2.03
N GLU G 91 -1.03 -16.90 0.86
CA GLU G 91 -1.25 -17.62 -0.39
C GLU G 91 -0.35 -18.85 -0.48
N LYS G 92 0.95 -18.60 -0.62
CA LYS G 92 1.92 -19.63 -0.97
C LYS G 92 2.49 -20.35 0.26
N GLU G 93 2.91 -19.57 1.26
CA GLU G 93 3.64 -20.16 2.37
C GLU G 93 3.30 -19.55 3.71
N LEU G 94 3.98 -20.06 4.73
CA LEU G 94 3.70 -19.72 6.11
C LEU G 94 5.04 -19.67 6.81
N ILE G 95 5.23 -18.65 7.62
CA ILE G 95 6.43 -18.54 8.41
C ILE G 95 6.00 -18.60 9.86
N LEU G 96 6.42 -19.66 10.54
CA LEU G 96 6.02 -19.91 11.93
C LEU G 96 7.14 -19.72 12.92
N THR G 97 6.84 -19.00 14.00
CA THR G 97 7.74 -18.98 15.14
C THR G 97 7.17 -19.94 16.18
N VAL G 98 7.84 -21.08 16.30
CA VAL G 98 7.39 -22.17 17.16
C VAL G 98 8.31 -22.31 18.34
N LEU G 99 7.76 -22.86 19.42
CA LEU G 99 8.49 -23.03 20.66
C LEU G 99 8.29 -24.43 21.20
N SER G 100 9.39 -25.15 21.38
CA SER G 100 9.35 -26.49 21.97
C SER G 100 9.46 -26.40 23.50
N VAL G 101 9.27 -27.51 24.18
CA VAL G 101 9.14 -27.50 25.65
C VAL G 101 10.28 -28.19 26.44
N GLU H 1 -11.52 -24.19 24.27
CA GLU H 1 -10.96 -25.54 23.91
C GLU H 1 -11.39 -26.16 22.57
N SER H 2 -10.52 -26.05 21.56
CA SER H 2 -10.86 -26.48 20.20
C SER H 2 -9.65 -26.71 19.29
N GLU H 3 -9.77 -27.71 18.41
CA GLU H 3 -8.72 -28.09 17.45
C GLU H 3 -9.11 -27.78 16.00
N SER H 4 -8.11 -27.42 15.18
CA SER H 4 -8.30 -27.27 13.74
C SER H 4 -7.23 -27.95 12.90
N LYS H 5 -7.70 -28.62 11.84
CA LYS H 5 -6.83 -29.24 10.86
C LYS H 5 -6.53 -28.14 9.85
N VAL H 6 -5.26 -27.95 9.50
CA VAL H 6 -4.91 -26.79 8.67
C VAL H 6 -4.07 -27.08 7.40
N SER I 6 6.09 23.85 -14.38
CA SER I 6 5.90 22.37 -14.36
C SER I 6 4.54 21.96 -14.94
N PRO I 7 4.45 20.75 -15.53
CA PRO I 7 3.30 20.36 -16.35
C PRO I 7 2.00 20.35 -15.56
N ARG I 8 0.91 20.64 -16.24
CA ARG I 8 -0.41 20.64 -15.63
C ARG I 8 -1.34 19.74 -16.44
N VAL I 9 -2.28 19.11 -15.74
CA VAL I 9 -3.23 18.19 -16.36
C VAL I 9 -4.57 18.90 -16.46
N VAL I 10 -5.09 18.96 -17.68
CA VAL I 10 -6.26 19.76 -17.99
C VAL I 10 -7.25 19.00 -18.89
N ARG I 11 -8.53 19.22 -18.65
CA ARG I 11 -9.60 18.53 -19.37
C ARG I 11 -10.31 19.48 -20.33
N ILE I 12 -10.34 19.13 -21.62
CA ILE I 12 -11.04 19.92 -22.63
C ILE I 12 -12.30 19.20 -23.12
N VAL I 13 -13.44 19.86 -23.01
CA VAL I 13 -14.67 19.24 -23.46
C VAL I 13 -14.93 19.61 -24.90
N LYS I 14 -14.93 18.59 -25.77
CA LYS I 14 -15.21 18.79 -27.19
C LYS I 14 -16.57 19.44 -27.42
N SER I 15 -16.57 20.56 -28.13
CA SER I 15 -17.80 21.20 -28.56
C SER I 15 -18.21 20.63 -29.92
N GLU I 16 -19.31 21.13 -30.45
CA GLU I 16 -19.78 20.72 -31.78
C GLU I 16 -18.70 20.88 -32.85
N SER I 17 -17.82 21.86 -32.67
CA SER I 17 -16.79 22.17 -33.64
C SER I 17 -15.38 21.84 -33.15
N GLY I 18 -15.26 20.87 -32.26
CA GLY I 18 -13.94 20.39 -31.81
C GLY I 18 -13.43 21.01 -30.52
N TYR I 19 -12.10 20.92 -30.34
CA TYR I 19 -11.45 21.37 -29.11
C TYR I 19 -10.92 22.80 -29.18
N GLY I 20 -10.95 23.40 -30.38
CA GLY I 20 -10.53 24.80 -30.53
C GLY I 20 -9.09 25.11 -30.16
N PHE I 21 -8.16 24.33 -30.73
CA PHE I 21 -6.72 24.62 -30.69
C PHE I 21 -5.97 23.85 -31.79
N ASN I 22 -4.75 24.29 -32.10
CA ASN I 22 -3.92 23.64 -33.12
C ASN I 22 -2.66 23.02 -32.57
N VAL I 23 -2.34 21.84 -33.11
CA VAL I 23 -1.11 21.14 -32.77
C VAL I 23 -0.13 21.19 -33.93
N ARG I 24 1.13 21.49 -33.61
CA ARG I 24 2.20 21.46 -34.59
C ARG I 24 3.44 20.81 -34.00
N GLY I 25 4.13 20.03 -34.80
CA GLY I 25 5.37 19.38 -34.37
C GLY I 25 6.05 18.55 -35.44
N GLN I 26 6.89 17.63 -35.00
CA GLN I 26 7.71 16.86 -35.91
C GLN I 26 6.92 15.76 -36.60
N VAL I 27 7.33 15.42 -37.82
CA VAL I 27 6.64 14.44 -38.64
C VAL I 27 7.18 13.04 -38.43
N SER I 28 8.45 12.94 -38.04
CA SER I 28 9.13 11.65 -37.91
C SER I 28 9.56 11.37 -36.47
N GLU I 29 9.58 10.09 -36.10
CA GLU I 29 9.84 9.62 -34.74
C GLU I 29 11.22 9.99 -34.19
N GLY I 30 11.33 9.91 -32.87
CA GLY I 30 12.60 10.06 -32.18
C GLY I 30 12.96 11.52 -32.03
N GLY I 31 14.16 11.87 -32.48
CA GLY I 31 14.65 13.24 -32.42
C GLY I 31 15.49 13.55 -31.19
N GLN I 32 16.22 14.67 -31.26
CA GLN I 32 17.08 15.18 -30.21
C GLN I 32 16.42 15.38 -28.83
N LEU I 33 17.12 14.97 -27.78
CA LEU I 33 16.66 15.21 -26.41
C LEU I 33 16.87 16.68 -26.02
N ARG I 34 15.84 17.31 -25.44
CA ARG I 34 15.86 18.75 -25.10
C ARG I 34 15.33 19.05 -23.71
N SER I 35 15.76 20.16 -23.12
CA SER I 35 15.33 20.51 -21.77
C SER I 35 14.39 21.72 -21.69
N ILE I 36 13.24 21.52 -21.07
CA ILE I 36 12.31 22.60 -20.75
C ILE I 36 12.21 22.70 -19.24
N ASN I 37 12.53 23.89 -18.70
CA ASN I 37 12.48 24.15 -17.27
C ASN I 37 13.37 23.16 -16.51
N GLY I 38 14.54 22.90 -17.08
CA GLY I 38 15.53 21.99 -16.49
C GLY I 38 15.17 20.51 -16.46
N GLU I 39 14.26 20.11 -17.34
CA GLU I 39 13.84 18.72 -17.43
C GLU I 39 13.99 18.22 -18.86
N LEU I 40 14.53 17.02 -19.02
CA LEU I 40 14.85 16.48 -20.35
C LEU I 40 13.68 15.75 -21.00
N TYR I 41 13.51 15.96 -22.31
CA TYR I 41 12.45 15.30 -23.09
C TYR I 41 12.88 15.00 -24.51
N ALA I 42 12.33 13.92 -25.05
CA ALA I 42 12.32 13.70 -26.49
C ALA I 42 11.32 14.71 -27.09
N PRO I 43 11.51 15.09 -28.37
CA PRO I 43 10.70 16.15 -28.96
C PRO I 43 9.19 16.04 -28.70
N LEU I 44 8.57 17.17 -28.36
CA LEU I 44 7.15 17.27 -28.09
C LEU I 44 6.44 18.11 -29.15
N GLN I 45 5.18 17.78 -29.42
CA GLN I 45 4.34 18.63 -30.26
C GLN I 45 3.95 19.83 -29.40
N HIS I 46 3.71 20.97 -30.04
CA HIS I 46 3.31 22.15 -29.30
C HIS I 46 2.01 22.71 -29.82
N VAL I 47 1.33 23.48 -28.97
CA VAL I 47 0.07 24.09 -29.34
C VAL I 47 0.34 25.36 -30.15
N SER I 48 0.13 25.27 -31.45
CA SER I 48 0.51 26.35 -32.36
C SER I 48 -0.52 27.46 -32.50
N ALA I 49 -1.74 27.19 -32.03
CA ALA I 49 -2.82 28.17 -32.07
C ALA I 49 -3.89 27.77 -31.07
N VAL I 50 -4.46 28.76 -30.40
CA VAL I 50 -5.60 28.52 -29.51
C VAL I 50 -6.75 29.43 -29.92
N LEU I 51 -7.86 28.80 -30.30
CA LEU I 51 -9.06 29.52 -30.71
C LEU I 51 -9.61 30.28 -29.50
N PRO I 52 -9.67 31.63 -29.60
CA PRO I 52 -10.06 32.50 -28.50
C PRO I 52 -11.48 32.24 -28.03
N GLY I 53 -11.63 32.07 -26.72
CA GLY I 53 -12.93 31.84 -26.10
C GLY I 53 -13.51 30.46 -26.32
N GLY I 54 -12.70 29.54 -26.84
CA GLY I 54 -13.18 28.22 -27.16
C GLY I 54 -12.48 27.10 -26.45
N ALA I 55 -13.28 26.23 -25.82
CA ALA I 55 -12.88 24.90 -25.33
C ALA I 55 -11.50 24.82 -24.71
N ALA I 56 -10.47 24.74 -25.55
CA ALA I 56 -9.08 24.69 -25.09
C ALA I 56 -8.69 25.94 -24.33
N ASP I 57 -9.03 27.12 -24.87
CA ASP I 57 -8.78 28.38 -24.20
C ASP I 57 -9.37 28.32 -22.80
N ARG I 58 -10.68 28.13 -22.73
CA ARG I 58 -11.40 28.03 -21.45
C ARG I 58 -10.80 27.01 -20.48
N ALA I 59 -10.21 25.94 -21.01
CA ALA I 59 -9.58 24.90 -20.18
C ALA I 59 -8.25 25.37 -19.59
N GLY I 60 -7.64 26.36 -20.22
CA GLY I 60 -6.41 26.95 -19.70
C GLY I 60 -5.20 26.77 -20.60
N VAL I 61 -5.37 26.00 -21.67
CA VAL I 61 -4.31 25.76 -22.65
C VAL I 61 -3.84 27.08 -23.27
N ARG I 62 -2.52 27.32 -23.27
CA ARG I 62 -1.92 28.51 -23.87
C ARG I 62 -1.14 28.18 -25.15
N LYS I 63 -1.11 29.13 -26.08
CA LYS I 63 -0.30 29.00 -27.29
C LYS I 63 1.15 28.78 -26.89
N GLY I 64 1.82 27.87 -27.60
CA GLY I 64 3.22 27.54 -27.31
C GLY I 64 3.39 26.53 -26.18
N ASP I 65 2.29 26.03 -25.64
CA ASP I 65 2.38 24.97 -24.66
C ASP I 65 2.83 23.71 -25.36
N ARG I 66 3.66 22.94 -24.68
CA ARG I 66 4.11 21.66 -25.20
C ARG I 66 3.17 20.56 -24.68
N ILE I 67 2.92 19.57 -25.54
CA ILE I 67 2.05 18.47 -25.15
C ILE I 67 2.87 17.28 -24.68
N LEU I 68 2.75 16.98 -23.39
CA LEU I 68 3.51 15.90 -22.83
C LEU I 68 2.74 14.55 -22.86
N GLU I 69 1.45 14.60 -22.57
CA GLU I 69 0.64 13.38 -22.54
C GLU I 69 -0.74 13.64 -23.11
N VAL I 70 -1.28 12.64 -23.80
CA VAL I 70 -2.65 12.67 -24.27
C VAL I 70 -3.40 11.55 -23.56
N ASN I 71 -4.43 11.94 -22.82
CA ASN I 71 -5.24 10.98 -22.06
C ASN I 71 -4.45 10.05 -21.17
N GLY I 72 -3.30 10.54 -20.70
CA GLY I 72 -2.43 9.78 -19.79
C GLY I 72 -1.31 9.06 -20.50
N VAL I 73 -1.36 9.06 -21.83
CA VAL I 73 -0.30 8.46 -22.62
C VAL I 73 0.79 9.49 -22.85
N ASN I 74 1.99 9.20 -22.36
CA ASN I 74 3.15 10.05 -22.62
C ASN I 74 3.47 9.99 -24.10
N VAL I 75 3.63 11.16 -24.70
CA VAL I 75 3.83 11.25 -26.14
C VAL I 75 5.11 11.98 -26.54
N GLU I 76 6.14 11.89 -25.70
CA GLU I 76 7.41 12.50 -26.09
C GLU I 76 8.13 11.65 -27.11
N GLY I 77 8.63 12.29 -28.16
CA GLY I 77 9.28 11.59 -29.24
C GLY I 77 8.33 11.11 -30.33
N ALA I 78 7.03 11.20 -30.03
CA ALA I 78 5.97 10.80 -30.95
C ALA I 78 5.91 11.72 -32.18
N THR I 79 5.46 11.15 -33.30
CA THR I 79 5.26 11.91 -34.52
C THR I 79 3.95 12.68 -34.45
N HIS I 80 3.82 13.66 -35.32
CA HIS I 80 2.63 14.49 -35.37
C HIS I 80 1.37 13.68 -35.61
N LYS I 81 1.40 12.79 -36.59
CA LYS I 81 0.25 11.95 -36.91
C LYS I 81 -0.15 11.10 -35.70
N GLN I 82 0.86 10.57 -35.01
CA GLN I 82 0.64 9.70 -33.85
C GLN I 82 -0.09 10.42 -32.73
N VAL I 83 0.20 11.72 -32.58
CA VAL I 83 -0.41 12.51 -31.51
C VAL I 83 -1.82 12.93 -31.86
N VAL I 84 -2.01 13.53 -33.04
CA VAL I 84 -3.34 13.98 -33.45
C VAL I 84 -4.32 12.82 -33.45
N ASP I 85 -3.83 11.64 -33.85
CA ASP I 85 -4.64 10.45 -33.78
C ASP I 85 -5.13 10.23 -32.37
N LEU I 86 -4.22 10.29 -31.41
CA LEU I 86 -4.55 10.05 -30.02
C LEU I 86 -5.60 11.01 -29.46
N ILE I 87 -5.55 12.27 -29.89
CA ILE I 87 -6.56 13.26 -29.49
C ILE I 87 -7.94 12.89 -30.05
N ARG I 88 -7.97 12.55 -31.33
CA ARG I 88 -9.21 12.31 -32.03
C ARG I 88 -9.86 10.98 -31.64
N ALA I 89 -9.13 10.18 -30.86
CA ALA I 89 -9.63 8.89 -30.38
C ALA I 89 -10.79 9.04 -29.40
N GLY I 90 -10.71 10.07 -28.55
CA GLY I 90 -11.73 10.31 -27.52
C GLY I 90 -13.05 10.78 -28.08
N GLU I 91 -14.14 10.17 -27.61
CA GLU I 91 -15.48 10.55 -28.03
C GLU I 91 -15.86 11.94 -27.50
N LYS I 92 -16.00 12.04 -26.19
CA LYS I 92 -16.56 13.24 -25.56
C LYS I 92 -15.51 14.29 -25.22
N GLU I 93 -14.42 13.87 -24.59
CA GLU I 93 -13.46 14.83 -24.07
C GLU I 93 -12.01 14.42 -24.26
N LEU I 94 -11.13 15.27 -23.75
CA LEU I 94 -9.71 15.13 -23.93
C LEU I 94 -9.05 15.57 -22.64
N ILE I 95 -8.09 14.78 -22.17
CA ILE I 95 -7.33 15.13 -20.98
C ILE I 95 -5.88 15.32 -21.40
N LEU I 96 -5.43 16.57 -21.32
CA LEU I 96 -4.09 16.94 -21.79
C LEU I 96 -3.13 17.26 -20.67
N THR I 97 -1.93 16.71 -20.77
CA THR I 97 -0.86 17.15 -19.90
C THR I 97 0.01 18.09 -20.72
N VAL I 98 -0.12 19.36 -20.41
CA VAL I 98 0.58 20.39 -21.15
C VAL I 98 1.71 20.98 -20.33
N LEU I 99 2.70 21.53 -21.03
CA LEU I 99 3.85 22.13 -20.37
C LEU I 99 4.14 23.52 -20.96
N SER I 100 4.15 24.53 -20.10
CA SER I 100 4.47 25.89 -20.52
C SER I 100 5.98 26.11 -20.38
N VAL I 101 6.48 27.23 -20.88
CA VAL I 101 7.92 27.42 -21.01
C VAL I 101 8.51 28.53 -20.09
N GLU J 1 8.35 18.09 -39.28
CA GLU J 1 7.63 19.40 -39.39
C GLU J 1 6.19 19.30 -39.94
N SER J 2 5.19 19.50 -39.08
CA SER J 2 3.77 19.44 -39.50
C SER J 2 2.77 20.04 -38.50
N GLU J 3 1.70 20.64 -39.04
CA GLU J 3 0.64 21.27 -38.24
C GLU J 3 -0.72 20.59 -38.50
N SER J 4 -1.64 20.70 -37.52
CA SER J 4 -3.01 20.24 -37.70
C SER J 4 -4.00 21.16 -36.98
N LYS J 5 -5.19 21.26 -37.56
CA LYS J 5 -6.28 22.02 -36.95
C LYS J 5 -7.11 21.06 -36.10
N VAL J 6 -7.47 21.50 -34.89
CA VAL J 6 -8.21 20.62 -34.00
C VAL J 6 -9.36 21.34 -33.22
#